data_4R4T
#
_entry.id   4R4T
#
_cell.length_a   38.190
_cell.length_b   53.920
_cell.length_c   54.120
_cell.angle_alpha   90.00
_cell.angle_beta   90.00
_cell.angle_gamma   90.00
#
_symmetry.space_group_name_H-M   'P 21 21 21'
#
loop_
_entity.id
_entity.type
_entity.pdbx_description
1 polymer 'Replication protein A 70 kDa DNA-binding subunit'
2 non-polymer '5-{4-[({[4-(5-carboxyfuran-2-yl)phenyl]carbonothioyl}amino)methyl]phenyl}-1-(3,4-dichlorophenyl)-1H-pyrazole-3-carboxylic acid'
3 water water
#
_entity_poly.entity_id   1
_entity_poly.type   'polypeptide(L)'
_entity_poly.pdbx_seq_one_letter_code
;GSHMVGQLSRGAIAAIMQKGDTNIKPILQVINIRPITTGNSPPRYRLLMSDGLNTLSSFMLATQLNPLVEEEQLSSNCVC
QIHRFIVNTLKDGRRVVILMELEVLKSAEAVGVKIGNPVPYNE
;
_entity_poly.pdbx_strand_id   A
#
loop_
_chem_comp.id
_chem_comp.type
_chem_comp.name
_chem_comp.formula
3J0 non-polymer '5-{4-[({[4-(5-carboxyfuran-2-yl)phenyl]carbonothioyl}amino)methyl]phenyl}-1-(3,4-dichlorophenyl)-1H-pyrazole-3-carboxylic acid' 'C29 H19 Cl2 N3 O5 S'
#
# COMPACT_ATOMS: atom_id res chain seq x y z
N SER A 2 15.72 9.73 -9.51
CA SER A 2 15.83 10.45 -10.80
C SER A 2 15.19 9.58 -11.81
N HIS A 3 14.33 10.15 -12.66
CA HIS A 3 13.31 9.36 -13.32
C HIS A 3 12.61 8.65 -12.16
N MET A 4 12.00 9.42 -11.25
CA MET A 4 11.59 8.83 -9.98
C MET A 4 10.57 7.71 -10.14
N VAL A 5 9.71 7.79 -11.15
CA VAL A 5 8.67 6.78 -11.31
CA VAL A 5 8.68 6.76 -11.31
C VAL A 5 9.28 5.41 -11.66
N GLY A 6 10.53 5.40 -12.16
CA GLY A 6 11.23 4.16 -12.42
C GLY A 6 11.54 3.39 -11.15
N GLN A 7 11.37 4.01 -9.98
CA GLN A 7 11.56 3.33 -8.70
C GLN A 7 10.36 2.50 -8.29
N LEU A 8 9.21 2.68 -8.95
CA LEU A 8 7.96 2.02 -8.56
C LEU A 8 7.54 0.97 -9.57
N SER A 9 6.87 -0.07 -9.10
CA SER A 9 6.41 -1.16 -9.95
C SER A 9 5.19 -0.79 -10.80
N ARG A 10 5.40 0.06 -11.79
CA ARG A 10 4.32 0.49 -12.67
C ARG A 10 3.58 -0.71 -13.26
N GLY A 11 2.26 -0.72 -13.11
CA GLY A 11 1.43 -1.81 -13.59
C GLY A 11 1.09 -2.85 -12.53
N ALA A 12 1.70 -2.77 -11.35
CA ALA A 12 1.40 -3.75 -10.31
C ALA A 12 -0.02 -3.67 -9.77
N ILE A 13 -0.59 -2.48 -9.67
CA ILE A 13 -1.95 -2.38 -9.16
C ILE A 13 -2.93 -3.09 -10.10
N ALA A 14 -2.82 -2.85 -11.40
CA ALA A 14 -3.66 -3.56 -12.35
C ALA A 14 -3.43 -5.07 -12.30
N ALA A 15 -2.20 -5.50 -12.10
CA ALA A 15 -1.91 -6.95 -12.03
C ALA A 15 -2.58 -7.57 -10.81
N ILE A 16 -2.53 -6.87 -9.68
CA ILE A 16 -3.17 -7.38 -8.47
C ILE A 16 -4.68 -7.43 -8.62
N MET A 17 -5.26 -6.38 -9.17
CA MET A 17 -6.71 -6.30 -9.20
CA MET A 17 -6.71 -6.20 -9.30
C MET A 17 -7.33 -7.02 -10.42
N GLN A 18 -6.61 -7.15 -11.54
CA GLN A 18 -7.13 -7.81 -12.75
C GLN A 18 -6.71 -9.26 -12.92
N LYS A 19 -5.42 -9.51 -12.85
CA LYS A 19 -4.88 -10.86 -13.06
C LYS A 19 -4.99 -11.70 -11.81
N GLY A 20 -5.08 -11.05 -10.65
CA GLY A 20 -5.07 -11.77 -9.38
C GLY A 20 -3.70 -12.33 -9.09
N ASP A 21 -2.69 -11.63 -9.58
CA ASP A 21 -1.30 -11.97 -9.33
C ASP A 21 -0.94 -11.71 -7.87
N THR A 22 -0.41 -12.73 -7.19
CA THR A 22 -0.02 -12.63 -5.78
C THR A 22 1.42 -13.07 -5.51
N ASN A 23 2.13 -13.48 -6.56
CA ASN A 23 3.52 -13.89 -6.41
C ASN A 23 4.47 -12.70 -6.55
N ILE A 24 4.00 -11.63 -7.18
CA ILE A 24 4.80 -10.43 -7.34
C ILE A 24 5.16 -9.82 -5.98
N LYS A 25 6.31 -9.12 -5.93
CA LYS A 25 6.72 -8.38 -4.74
C LYS A 25 6.90 -6.90 -5.10
N PRO A 26 5.79 -6.23 -5.41
CA PRO A 26 5.87 -4.91 -6.03
C PRO A 26 6.37 -3.82 -5.08
N ILE A 27 7.00 -2.81 -5.66
CA ILE A 27 7.45 -1.63 -4.97
C ILE A 27 6.44 -0.52 -5.22
N LEU A 28 5.86 -0.03 -4.14
CA LEU A 28 4.76 0.93 -4.14
C LEU A 28 5.08 2.10 -3.23
N GLN A 29 4.45 3.24 -3.51
CA GLN A 29 4.59 4.41 -2.64
C GLN A 29 3.32 4.59 -1.82
N VAL A 30 3.49 4.86 -0.53
CA VAL A 30 2.36 5.21 0.32
C VAL A 30 1.98 6.66 0.04
N ILE A 31 0.74 6.91 -0.34
CA ILE A 31 0.27 8.28 -0.52
C ILE A 31 -0.39 8.82 0.74
N ASN A 32 -1.22 8.00 1.39
CA ASN A 32 -1.91 8.40 2.60
C ASN A 32 -2.20 7.17 3.45
N ILE A 33 -2.30 7.37 4.76
CA ILE A 33 -2.67 6.33 5.71
C ILE A 33 -3.67 6.94 6.65
N ARG A 34 -4.73 6.20 6.94
CA ARG A 34 -5.67 6.67 7.95
C ARG A 34 -6.25 5.49 8.71
N PRO A 35 -6.58 5.71 9.99
CA PRO A 35 -7.23 4.64 10.72
C PRO A 35 -8.65 4.48 10.20
N ILE A 36 -9.16 3.26 10.24
CA ILE A 36 -10.58 3.03 10.03
C ILE A 36 -11.27 3.00 11.38
N THR A 37 -12.59 3.06 11.38
CA THR A 37 -13.35 3.00 12.62
C THR A 37 -13.43 1.54 13.09
N THR A 38 -12.93 1.25 14.30
CA THR A 38 -12.76 -0.16 14.72
C THR A 38 -13.50 -0.63 15.98
N GLY A 39 -13.60 0.22 17.00
CA GLY A 39 -14.24 -0.20 18.23
C GLY A 39 -13.32 -0.96 19.17
N ASN A 40 -13.85 -1.92 19.90
CA ASN A 40 -13.06 -2.67 20.88
C ASN A 40 -12.25 -3.79 20.23
N SER A 41 -11.20 -3.38 19.53
CA SER A 41 -10.28 -4.30 18.89
C SER A 41 -9.11 -3.44 18.45
N PRO A 42 -7.99 -4.05 18.06
CA PRO A 42 -6.83 -3.25 17.67
C PRO A 42 -7.17 -2.28 16.53
N PRO A 43 -6.51 -1.12 16.50
CA PRO A 43 -6.71 -0.21 15.38
C PRO A 43 -6.40 -0.91 14.06
N ARG A 44 -7.03 -0.45 12.97
CA ARG A 44 -6.73 -0.96 11.62
C ARG A 44 -6.47 0.24 10.73
N TYR A 45 -5.44 0.11 9.90
CA TYR A 45 -5.05 1.19 8.99
C TYR A 45 -5.35 0.87 7.54
N ARG A 46 -5.93 1.86 6.87
CA ARG A 46 -6.20 1.81 5.44
C ARG A 46 -5.19 2.70 4.71
N LEU A 47 -4.71 2.24 3.55
CA LEU A 47 -3.69 2.96 2.80
C LEU A 47 -4.13 3.27 1.38
N LEU A 48 -3.83 4.49 0.95
CA LEU A 48 -3.86 4.87 -0.46
C LEU A 48 -2.46 4.68 -0.98
N MET A 49 -2.29 3.73 -1.89
N MET A 49 -2.26 3.78 -1.93
CA MET A 49 -0.98 3.36 -2.45
CA MET A 49 -0.93 3.52 -2.47
C MET A 49 -0.88 3.74 -3.93
C MET A 49 -0.87 3.65 -3.97
N SER A 50 0.33 3.92 -4.44
CA SER A 50 0.60 4.20 -5.83
C SER A 50 1.68 3.28 -6.38
N ASP A 51 1.49 2.88 -7.63
CA ASP A 51 2.55 2.17 -8.38
C ASP A 51 3.18 3.07 -9.44
N GLY A 52 2.90 4.37 -9.37
CA GLY A 52 3.41 5.32 -10.36
C GLY A 52 2.44 5.62 -11.51
N LEU A 53 1.61 4.64 -11.85
CA LEU A 53 0.58 4.82 -12.89
C LEU A 53 -0.79 5.02 -12.29
N ASN A 54 -1.10 4.22 -11.28
CA ASN A 54 -2.38 4.27 -10.61
C ASN A 54 -2.22 4.47 -9.10
N THR A 55 -3.25 5.03 -8.48
CA THR A 55 -3.45 4.94 -7.04
C THR A 55 -4.62 4.01 -6.78
N LEU A 56 -4.63 3.44 -5.59
CA LEU A 56 -5.72 2.57 -5.17
C LEU A 56 -5.83 2.66 -3.66
N SER A 57 -7.06 2.83 -3.14
CA SER A 57 -7.29 3.03 -1.71
C SER A 57 -7.75 1.78 -0.99
N SER A 58 -7.75 0.65 -1.67
CA SER A 58 -8.32 -0.60 -1.13
C SER A 58 -7.31 -1.48 -0.40
N PHE A 59 -6.32 -0.86 0.22
CA PHE A 59 -5.33 -1.59 1.02
C PHE A 59 -5.58 -1.42 2.51
N MET A 60 -5.47 -2.52 3.25
CA MET A 60 -5.40 -2.43 4.71
C MET A 60 -4.18 -3.18 5.19
N LEU A 61 -3.65 -2.71 6.31
CA LEU A 61 -2.47 -3.29 6.93
C LEU A 61 -2.84 -4.43 7.87
N ALA A 62 -2.12 -5.54 7.82
CA ALA A 62 -2.26 -6.56 8.86
C ALA A 62 -1.95 -5.94 10.22
N THR A 63 -2.66 -6.34 11.25
CA THR A 63 -2.51 -5.68 12.55
CA THR A 63 -2.52 -5.70 12.55
C THR A 63 -1.11 -5.89 13.13
N GLN A 64 -0.46 -7.00 12.77
N GLN A 64 -0.43 -6.98 12.80
CA GLN A 64 0.91 -7.28 13.19
CA GLN A 64 0.92 -7.17 13.33
C GLN A 64 1.91 -6.21 12.75
C GLN A 64 1.84 -6.05 12.87
N LEU A 65 1.54 -5.42 11.73
CA LEU A 65 2.37 -4.33 11.22
C LEU A 65 2.03 -2.96 11.78
N ASN A 66 1.04 -2.87 12.64
CA ASN A 66 0.65 -1.59 13.23
C ASN A 66 1.83 -0.79 13.80
N PRO A 67 2.81 -1.46 14.46
CA PRO A 67 3.92 -0.66 15.00
C PRO A 67 4.66 0.17 13.95
N LEU A 68 4.68 -0.28 12.70
CA LEU A 68 5.31 0.49 11.62
CA LEU A 68 5.35 0.50 11.66
C LEU A 68 4.67 1.86 11.47
N VAL A 69 3.35 1.90 11.59
CA VAL A 69 2.62 3.16 11.49
C VAL A 69 2.76 3.94 12.78
N GLU A 70 2.59 3.29 13.92
CA GLU A 70 2.58 3.98 15.20
C GLU A 70 3.94 4.56 15.57
N GLU A 71 5.02 3.94 15.11
CA GLU A 71 6.38 4.46 15.34
C GLU A 71 6.91 5.28 14.15
N GLU A 72 6.05 5.52 13.17
CA GLU A 72 6.27 6.47 12.07
C GLU A 72 7.27 6.03 11.01
N GLN A 73 7.62 4.74 10.96
CA GLN A 73 8.50 4.27 9.88
C GLN A 73 7.75 4.12 8.56
N LEU A 74 6.46 3.81 8.66
CA LEU A 74 5.59 3.68 7.51
C LEU A 74 4.65 4.90 7.52
N SER A 75 4.86 5.83 6.60
CA SER A 75 4.09 7.08 6.56
CA SER A 75 4.10 7.08 6.57
C SER A 75 4.02 7.62 5.14
N SER A 76 3.13 8.59 4.93
CA SER A 76 2.92 9.18 3.62
CA SER A 76 2.92 9.19 3.61
C SER A 76 4.23 9.61 2.95
N ASN A 77 4.40 9.18 1.70
CA ASN A 77 5.53 9.40 0.80
C ASN A 77 6.58 8.31 0.84
N CYS A 78 6.57 7.44 1.84
CA CYS A 78 7.58 6.38 1.86
CA CYS A 78 7.60 6.40 1.86
C CYS A 78 7.37 5.40 0.71
N VAL A 79 8.45 4.71 0.34
CA VAL A 79 8.46 3.72 -0.73
C VAL A 79 8.74 2.38 -0.08
N CYS A 80 7.86 1.41 -0.37
CA CYS A 80 7.98 0.12 0.27
CA CYS A 80 7.82 0.11 0.29
C CYS A 80 7.83 -1.02 -0.72
N GLN A 81 8.44 -2.14 -0.38
CA GLN A 81 8.29 -3.36 -1.13
C GLN A 81 7.33 -4.26 -0.39
N ILE A 82 6.30 -4.75 -1.09
CA ILE A 82 5.33 -5.68 -0.54
C ILE A 82 5.85 -7.10 -0.72
N HIS A 83 6.16 -7.77 0.38
CA HIS A 83 6.69 -9.12 0.35
C HIS A 83 5.63 -10.21 0.47
N ARG A 84 4.47 -9.90 1.06
CA ARG A 84 3.37 -10.85 1.14
C ARG A 84 2.06 -10.08 1.28
N PHE A 85 1.06 -10.47 0.50
CA PHE A 85 -0.26 -9.87 0.59
C PHE A 85 -1.33 -10.89 0.23
N ILE A 86 -2.55 -10.60 0.65
CA ILE A 86 -3.72 -11.44 0.43
C ILE A 86 -4.79 -10.53 -0.18
N VAL A 87 -5.58 -11.05 -1.10
CA VAL A 87 -6.72 -10.35 -1.65
C VAL A 87 -8.00 -11.03 -1.12
N ASN A 88 -8.92 -10.20 -0.63
CA ASN A 88 -10.24 -10.62 -0.19
CA ASN A 88 -10.25 -10.67 -0.28
C ASN A 88 -11.29 -9.90 -1.03
N THR A 89 -12.42 -10.54 -1.26
CA THR A 89 -13.50 -9.92 -2.01
C THR A 89 -14.73 -9.87 -1.10
N LEU A 90 -15.31 -8.69 -1.02
CA LEU A 90 -16.49 -8.45 -0.21
C LEU A 90 -17.76 -8.92 -0.90
N LYS A 91 -18.83 -9.07 -0.14
CA LYS A 91 -20.11 -9.49 -0.71
C LYS A 91 -20.57 -8.60 -1.85
N ASP A 92 -20.25 -7.31 -1.77
CA ASP A 92 -20.68 -6.36 -2.79
C ASP A 92 -19.80 -6.33 -4.04
N GLY A 93 -18.71 -7.09 -4.03
CA GLY A 93 -17.85 -7.23 -5.18
C GLY A 93 -16.51 -6.52 -5.07
N ARG A 94 -16.39 -5.60 -4.12
CA ARG A 94 -15.16 -4.86 -3.94
C ARG A 94 -14.03 -5.76 -3.45
N ARG A 95 -12.83 -5.50 -3.95
CA ARG A 95 -11.66 -6.20 -3.46
C ARG A 95 -10.85 -5.35 -2.52
N VAL A 96 -10.31 -6.04 -1.52
CA VAL A 96 -9.48 -5.45 -0.49
C VAL A 96 -8.15 -6.20 -0.48
N VAL A 97 -7.04 -5.45 -0.44
CA VAL A 97 -5.73 -6.06 -0.40
C VAL A 97 -5.17 -5.90 1.01
N ILE A 98 -4.88 -7.02 1.68
CA ILE A 98 -4.29 -6.95 3.01
CA ILE A 98 -4.28 -6.96 3.01
C ILE A 98 -2.78 -7.15 2.90
N LEU A 99 -2.04 -6.15 3.37
CA LEU A 99 -0.59 -6.16 3.35
C LEU A 99 -0.07 -6.90 4.58
N MET A 100 0.59 -8.03 4.38
CA MET A 100 1.02 -8.91 5.47
C MET A 100 2.48 -8.74 5.84
N GLU A 101 3.33 -8.56 4.84
CA GLU A 101 4.76 -8.31 5.07
CA GLU A 101 4.75 -8.31 5.07
C GLU A 101 5.19 -7.22 4.11
N LEU A 102 5.88 -6.22 4.63
CA LEU A 102 6.47 -5.22 3.76
C LEU A 102 7.72 -4.64 4.37
N GLU A 103 8.52 -4.08 3.49
CA GLU A 103 9.78 -3.46 3.84
C GLU A 103 9.76 -2.03 3.36
N VAL A 104 10.15 -1.10 4.22
CA VAL A 104 10.30 0.29 3.81
C VAL A 104 11.67 0.44 3.15
N LEU A 105 11.69 0.73 1.87
CA LEU A 105 12.95 0.91 1.15
C LEU A 105 13.51 2.32 1.29
N LYS A 106 12.61 3.31 1.29
CA LYS A 106 13.02 4.69 1.47
C LYS A 106 12.01 5.37 2.37
N SER A 107 12.49 6.03 3.41
CA SER A 107 11.60 6.69 4.35
C SER A 107 10.86 7.84 3.69
N ALA A 108 9.76 8.26 4.31
CA ALA A 108 9.02 9.41 3.82
C ALA A 108 9.91 10.63 3.68
N GLU A 109 10.77 10.81 4.67
CA GLU A 109 11.62 12.01 4.75
C GLU A 109 12.67 12.00 3.62
N ALA A 110 13.07 10.82 3.15
CA ALA A 110 14.07 10.67 2.11
C ALA A 110 13.47 10.75 0.71
N VAL A 111 12.15 10.65 0.61
CA VAL A 111 11.45 10.77 -0.68
C VAL A 111 10.76 12.14 -0.80
N GLY A 112 9.84 12.42 0.10
CA GLY A 112 9.38 13.79 0.31
C GLY A 112 8.24 14.31 -0.55
N VAL A 113 7.87 13.56 -1.57
CA VAL A 113 6.88 14.01 -2.55
C VAL A 113 6.19 12.80 -3.13
N LYS A 114 4.96 12.99 -3.61
CA LYS A 114 4.32 11.99 -4.44
C LYS A 114 5.08 11.86 -5.76
N ILE A 115 5.45 10.63 -6.10
CA ILE A 115 6.19 10.34 -7.33
C ILE A 115 5.23 10.26 -8.52
N GLY A 116 5.55 10.99 -9.58
CA GLY A 116 4.79 10.92 -10.81
C GLY A 116 3.42 11.54 -10.68
N ASN A 117 2.53 11.12 -11.59
CA ASN A 117 1.17 11.62 -11.63
C ASN A 117 0.17 10.46 -11.79
N PRO A 118 0.13 9.58 -10.78
CA PRO A 118 -0.77 8.43 -10.86
C PRO A 118 -2.24 8.84 -10.80
N VAL A 119 -3.09 8.03 -11.45
CA VAL A 119 -4.53 8.32 -11.52
C VAL A 119 -5.29 7.21 -10.83
N PRO A 120 -6.44 7.52 -10.27
CA PRO A 120 -7.16 6.46 -9.54
C PRO A 120 -7.50 5.25 -10.40
N TYR A 121 -7.24 4.07 -9.84
CA TYR A 121 -7.67 2.83 -10.46
C TYR A 121 -9.16 2.66 -10.31
N ASN A 122 -9.79 2.33 -11.43
CA ASN A 122 -11.21 2.05 -11.44
C ASN A 122 -11.43 0.56 -11.48
N GLU A 123 -11.91 0.03 -10.37
CA GLU A 123 -12.22 -1.38 -10.23
C GLU A 123 -13.28 -1.87 -11.21
C10 3J0 B . -8.72 -8.09 7.75
C13 3J0 B . -10.02 -9.28 5.58
C15 3J0 B . -11.79 -7.49 5.60
C20 3J0 B . -14.18 -4.10 4.98
C21 3J0 B . -14.14 -2.71 5.03
C22 3J0 B . -13.71 -2.08 6.21
C24 3J0 B . -13.38 -4.23 7.28
C26 3J0 B . -13.98 0.16 7.44
O01 3J0 B . -3.28 -10.14 10.29
C02 3J0 B . -4.27 -9.45 9.99
C03 3J0 B . -5.24 -9.92 8.94
O04 3J0 B . -4.51 -8.34 10.52
C05 3J0 B . -5.19 -11.11 8.19
C06 3J0 B . -6.37 -11.06 7.35
C07 3J0 B . -7.00 -9.83 7.70
O08 3J0 B . -6.31 -9.21 8.62
C09 3J0 B . -8.24 -9.24 7.17
C11 3J0 B . -9.89 -7.51 7.24
C12 3J0 B . -10.52 -8.12 6.17
C14 3J0 B . -8.88 -9.85 6.08
N16 3J0 B . -12.74 -7.06 6.58
S17 3J0 B . -11.84 -7.10 3.98
C18 3J0 B . -13.89 -6.32 5.98
C19 3J0 B . -13.82 -4.86 6.09
C23 3J0 B . -13.35 -2.84 7.34
C25 3J0 B . -13.68 -0.57 6.28
C27 3J0 B . -13.86 1.51 7.04
N28 3J0 B . -13.53 1.53 5.79
N29 3J0 B . -13.45 0.31 5.32
C30 3J0 B . -13.10 0.03 3.99
C31 3J0 B . -11.81 -0.41 3.72
C32 3J0 B . -11.45 -0.70 2.41
C33 3J0 B . -12.37 -0.52 1.38
C34 3J0 B . -13.66 -0.08 1.66
C35 3J0 B . -14.03 0.20 2.97
CL6 3J0 B . -11.91 -0.88 -0.24
CL7 3J0 B . -9.83 -1.24 2.09
C38 3J0 B . -14.05 2.76 7.91
O39 3J0 B . -14.36 2.65 9.14
O40 3J0 B . -13.86 3.89 7.35
#